data_5MF0
#
_entry.id   5MF0
#
_cell.length_a   101.520
_cell.length_b   101.520
_cell.length_c   45.780
_cell.angle_alpha   90.00
_cell.angle_beta   90.00
_cell.angle_gamma   90.00
#
_symmetry.space_group_name_H-M   'P 43'
#
loop_
_entity.id
_entity.type
_entity.pdbx_description
1 polymer 'MH1 domain of human Smad4'
2 polymer "DNA (5'-D(P*AP*CP*GP*GP*GP*CP*CP*GP*CP*GP*GP*CP*CP*CP*GP*T)-3')"
3 non-polymer 'ZINC ION'
4 non-polymer 'CHLORIDE ION'
5 water water
#
loop_
_entity_poly.entity_id
_entity_poly.type
_entity_poly.pdbx_seq_one_letter_code
_entity_poly.pdbx_strand_id
1 'polypeptide(L)'
;GAMGPTSNDACLSIVHSLMCHRQGGESETFAKRAIESLVKKLKEKKDELDSLITAITTNGAHPSKCVTIQRTLDGRLQVA
GRKGFPHVIYARLWRWPDLHKNELKHVKYCQYAFDLKCDSVCVNPYHYERVVSPG
;
A,B
2 'polydeoxyribonucleotide' (DA)(DC)(DG)(DG)(DG)(DC)(DC)(DG)(DC)(DG)(DG)(DC)(DC)(DC)(DG)(DT) E,F
#
loop_
_chem_comp.id
_chem_comp.type
_chem_comp.name
_chem_comp.formula
CL non-polymer 'CHLORIDE ION' 'Cl -1'
DA DNA linking 2'-DEOXYADENOSINE-5'-MONOPHOSPHATE 'C10 H14 N5 O6 P'
DC DNA linking 2'-DEOXYCYTIDINE-5'-MONOPHOSPHATE 'C9 H14 N3 O7 P'
DG DNA linking 2'-DEOXYGUANOSINE-5'-MONOPHOSPHATE 'C10 H14 N5 O7 P'
DT DNA linking THYMIDINE-5'-MONOPHOSPHATE 'C10 H15 N2 O8 P'
ZN non-polymer 'ZINC ION' 'Zn 2'
#
# COMPACT_ATOMS: atom_id res chain seq x y z
N CYS A 11 21.21 9.32 -0.66
CA CYS A 11 20.09 9.95 0.06
C CYS A 11 18.86 10.06 -0.91
N LEU A 12 19.12 10.50 -2.16
CA LEU A 12 18.13 10.58 -3.24
C LEU A 12 17.56 9.22 -3.62
N SER A 13 18.41 8.16 -3.62
CA SER A 13 18.01 6.78 -3.92
C SER A 13 17.13 6.24 -2.81
N ILE A 14 17.36 6.65 -1.54
CA ILE A 14 16.55 6.29 -0.36
C ILE A 14 15.16 6.91 -0.48
N VAL A 15 15.10 8.24 -0.74
CA VAL A 15 13.83 8.98 -0.92
C VAL A 15 13.00 8.31 -2.05
N HIS A 16 13.65 8.03 -3.21
CA HIS A 16 13.02 7.41 -4.38
C HIS A 16 12.46 6.05 -4.08
N SER A 17 13.20 5.20 -3.34
CA SER A 17 12.76 3.86 -2.95
C SER A 17 11.58 3.92 -2.01
N LEU A 18 11.51 4.90 -1.08
CA LEU A 18 10.38 5.06 -0.15
C LEU A 18 9.15 5.61 -0.87
N MET A 19 9.38 6.47 -1.89
CA MET A 19 8.36 7.08 -2.75
C MET A 19 7.57 6.00 -3.51
N CYS A 20 8.27 4.95 -3.97
CA CYS A 20 7.76 3.81 -4.71
C CYS A 20 6.69 3.06 -3.90
N HIS A 21 6.73 3.16 -2.55
CA HIS A 21 5.79 2.46 -1.65
C HIS A 21 4.68 3.32 -1.05
N ARG A 22 4.56 4.58 -1.50
CA ARG A 22 3.52 5.50 -1.05
C ARG A 22 2.18 5.03 -1.59
N GLN A 23 1.09 5.45 -0.97
CA GLN A 23 -0.25 5.11 -1.42
C GLN A 23 -0.90 6.38 -1.96
N GLY A 24 -1.95 6.27 -2.77
CA GLY A 24 -2.65 7.40 -3.37
C GLY A 24 -3.51 8.25 -2.46
N GLY A 25 -3.05 8.48 -1.22
CA GLY A 25 -3.72 9.31 -0.24
C GLY A 25 -3.53 10.78 -0.53
N GLU A 26 -2.30 11.18 -0.91
CA GLU A 26 -1.96 12.56 -1.25
C GLU A 26 -1.22 12.64 -2.58
N SER A 27 -0.89 13.89 -3.00
CA SER A 27 -0.17 14.19 -4.23
C SER A 27 1.25 13.66 -4.16
N GLU A 28 1.88 13.50 -5.34
CA GLU A 28 3.26 13.03 -5.47
C GLU A 28 4.19 14.03 -4.79
N THR A 29 3.90 15.34 -4.96
CA THR A 29 4.66 16.45 -4.38
C THR A 29 4.57 16.44 -2.85
N PHE A 30 3.36 16.20 -2.26
CA PHE A 30 3.21 16.15 -0.80
C PHE A 30 4.02 15.00 -0.23
N ALA A 31 3.93 13.81 -0.87
CA ALA A 31 4.66 12.60 -0.48
C ALA A 31 6.18 12.82 -0.47
N LYS A 32 6.71 13.47 -1.52
CA LYS A 32 8.12 13.80 -1.70
C LYS A 32 8.61 14.69 -0.55
N ARG A 33 7.89 15.79 -0.27
CA ARG A 33 8.19 16.72 0.82
C ARG A 33 8.18 16.01 2.19
N ALA A 34 7.14 15.18 2.45
CA ALA A 34 7.02 14.43 3.70
C ALA A 34 8.20 13.45 3.89
N ILE A 35 8.58 12.72 2.82
CA ILE A 35 9.68 11.75 2.84
C ILE A 35 11.03 12.45 3.00
N GLU A 36 11.28 13.52 2.22
CA GLU A 36 12.51 14.32 2.30
C GLU A 36 12.74 14.85 3.72
N SER A 37 11.66 15.40 4.34
CA SER A 37 11.66 15.94 5.70
C SER A 37 12.07 14.85 6.70
N LEU A 38 11.47 13.65 6.59
CA LEU A 38 11.75 12.51 7.45
C LEU A 38 13.18 11.96 7.28
N VAL A 39 13.62 11.75 6.02
CA VAL A 39 14.96 11.23 5.68
C VAL A 39 16.06 12.16 6.23
N LYS A 40 15.88 13.50 6.08
CA LYS A 40 16.84 14.49 6.58
C LYS A 40 17.03 14.38 8.10
N LYS A 41 15.95 14.15 8.86
CA LYS A 41 15.96 13.99 10.33
C LYS A 41 16.65 12.70 10.78
N LEU A 42 16.61 11.66 9.93
CA LEU A 42 17.19 10.35 10.21
C LEU A 42 18.57 10.15 9.60
N LYS A 43 19.13 11.19 8.95
CA LYS A 43 20.45 11.16 8.31
C LYS A 43 21.55 10.78 9.31
N GLU A 44 21.52 11.36 10.53
CA GLU A 44 22.50 11.06 11.59
C GLU A 44 22.12 9.84 12.47
N LYS A 45 20.97 9.18 12.17
CA LYS A 45 20.47 8.02 12.91
C LYS A 45 20.34 6.80 11.98
N LYS A 46 21.48 6.29 11.51
CA LYS A 46 21.64 5.17 10.57
C LYS A 46 20.73 3.97 10.83
N ASP A 47 20.70 3.46 12.08
CA ASP A 47 19.87 2.32 12.47
C ASP A 47 18.38 2.57 12.27
N GLU A 48 17.89 3.76 12.66
CA GLU A 48 16.48 4.17 12.53
C GLU A 48 16.07 4.33 11.07
N LEU A 49 16.97 4.89 10.24
CA LEU A 49 16.75 5.06 8.80
C LEU A 49 16.66 3.68 8.11
N ASP A 50 17.60 2.76 8.45
CA ASP A 50 17.65 1.39 7.90
C ASP A 50 16.40 0.61 8.28
N SER A 51 15.91 0.80 9.52
CA SER A 51 14.70 0.16 9.99
C SER A 51 13.48 0.67 9.24
N LEU A 52 13.46 1.97 8.87
CA LEU A 52 12.38 2.58 8.09
C LEU A 52 12.38 1.99 6.67
N ILE A 53 13.53 1.99 5.97
CA ILE A 53 13.65 1.43 4.61
C ILE A 53 13.22 -0.04 4.60
N THR A 54 13.74 -0.86 5.52
CA THR A 54 13.39 -2.29 5.63
C THR A 54 11.89 -2.49 5.90
N ALA A 55 11.30 -1.73 6.85
CA ALA A 55 9.87 -1.83 7.18
C ALA A 55 8.95 -1.47 6.00
N ILE A 56 9.18 -0.34 5.31
CA ILE A 56 8.38 0.15 4.18
C ILE A 56 8.51 -0.79 2.96
N THR A 57 9.76 -1.12 2.58
CA THR A 57 10.13 -1.95 1.42
C THR A 57 9.56 -3.39 1.48
N THR A 58 9.50 -3.98 2.68
CA THR A 58 9.02 -5.36 2.89
C THR A 58 7.58 -5.43 3.42
N ASN A 59 6.88 -4.28 3.45
CA ASN A 59 5.51 -4.18 3.97
C ASN A 59 5.37 -4.73 5.39
N GLY A 60 6.32 -4.36 6.24
CA GLY A 60 6.37 -4.76 7.64
C GLY A 60 6.41 -6.26 7.86
N ALA A 61 7.16 -6.98 6.99
CA ALA A 61 7.31 -8.44 7.02
C ALA A 61 7.92 -8.94 8.34
N HIS A 62 8.97 -8.27 8.83
CA HIS A 62 9.62 -8.64 10.09
C HIS A 62 9.57 -7.50 11.10
N PRO A 63 9.56 -7.77 12.43
CA PRO A 63 9.55 -6.65 13.39
C PRO A 63 10.71 -5.69 13.17
N SER A 64 10.39 -4.40 13.11
CA SER A 64 11.32 -3.31 12.87
C SER A 64 11.49 -2.46 14.13
N LYS A 65 12.56 -1.68 14.19
CA LYS A 65 12.88 -0.79 15.30
C LYS A 65 12.01 0.47 15.19
N CYS A 66 11.92 1.24 16.28
CA CYS A 66 11.22 2.51 16.32
C CYS A 66 11.93 3.49 15.41
N VAL A 67 11.16 4.34 14.70
CA VAL A 67 11.70 5.36 13.80
C VAL A 67 11.16 6.64 14.38
N THR A 68 12.01 7.37 15.11
CA THR A 68 11.58 8.56 15.85
C THR A 68 12.10 9.88 15.34
N ILE A 69 11.30 10.91 15.56
CA ILE A 69 11.59 12.31 15.28
C ILE A 69 11.26 13.12 16.54
N GLN A 70 11.85 14.32 16.65
CA GLN A 70 11.67 15.23 17.77
C GLN A 70 10.21 15.69 17.80
N ARG A 71 9.58 15.64 19.01
CA ARG A 71 8.21 16.10 19.21
C ARG A 71 8.22 17.63 19.19
N THR A 72 7.26 18.25 18.47
CA THR A 72 7.11 19.70 18.43
C THR A 72 6.31 20.10 19.68
N LEU A 73 6.30 21.40 20.04
CA LEU A 73 5.56 21.93 21.19
C LEU A 73 4.07 21.59 21.15
N ASP A 74 3.46 21.72 19.95
CA ASP A 74 2.04 21.46 19.73
C ASP A 74 1.74 19.98 19.36
N GLY A 75 2.78 19.20 19.05
CA GLY A 75 2.67 17.81 18.65
C GLY A 75 2.42 17.56 17.16
N ARG A 76 2.10 18.62 16.37
CA ARG A 76 1.86 18.56 14.92
C ARG A 76 3.12 18.86 14.12
N LEU A 77 3.19 18.29 12.93
CA LEU A 77 4.22 18.47 11.92
C LEU A 77 3.59 19.16 10.70
N GLN A 78 4.28 20.15 10.12
CA GLN A 78 3.79 20.82 8.93
C GLN A 78 4.53 20.33 7.71
N VAL A 79 3.78 19.91 6.68
CA VAL A 79 4.31 19.47 5.39
C VAL A 79 3.51 20.18 4.29
N ALA A 80 4.21 20.93 3.41
CA ALA A 80 3.64 21.67 2.29
C ALA A 80 2.37 22.47 2.69
N GLY A 81 2.51 23.22 3.80
CA GLY A 81 1.46 24.09 4.34
C GLY A 81 0.33 23.41 5.08
N ARG A 82 0.46 22.11 5.36
CA ARG A 82 -0.57 21.37 6.07
C ARG A 82 -0.03 20.82 7.38
N LYS A 83 -0.78 20.99 8.49
CA LYS A 83 -0.38 20.49 9.82
C LYS A 83 -1.15 19.25 10.19
N GLY A 84 -0.44 18.28 10.76
CA GLY A 84 -1.02 17.03 11.20
C GLY A 84 -0.08 16.28 12.13
N PHE A 85 -0.63 15.31 12.86
CA PHE A 85 0.18 14.51 13.77
C PHE A 85 1.15 13.67 12.94
N PRO A 86 2.47 13.68 13.31
CA PRO A 86 3.47 13.01 12.48
C PRO A 86 3.27 11.51 12.27
N HIS A 87 2.83 10.78 13.31
CA HIS A 87 2.56 9.34 13.18
C HIS A 87 1.40 9.07 12.19
N VAL A 88 0.40 9.97 12.18
CA VAL A 88 -0.78 9.92 11.31
C VAL A 88 -0.37 10.20 9.84
N ILE A 89 0.47 11.24 9.62
CA ILE A 89 0.96 11.62 8.30
C ILE A 89 1.66 10.45 7.60
N TYR A 90 2.60 9.79 8.30
CA TYR A 90 3.36 8.71 7.70
C TYR A 90 2.57 7.39 7.64
N ALA A 91 1.57 7.18 8.52
CA ALA A 91 0.72 5.97 8.46
C ALA A 91 -0.23 6.10 7.27
N ARG A 92 -0.76 7.32 7.03
CA ARG A 92 -1.67 7.64 5.92
C ARG A 92 -0.92 7.46 4.58
N LEU A 93 0.33 7.94 4.54
CA LEU A 93 1.23 7.88 3.39
C LEU A 93 1.63 6.48 2.92
N TRP A 94 1.99 5.58 3.84
CA TRP A 94 2.45 4.26 3.46
C TRP A 94 1.47 3.10 3.73
N ARG A 95 0.44 3.28 4.58
CA ARG A 95 -0.45 2.17 4.92
C ARG A 95 -1.95 2.41 4.70
N TRP A 96 -2.52 3.48 5.29
CA TRP A 96 -3.95 3.79 5.21
C TRP A 96 -4.21 5.16 4.58
N PRO A 97 -4.37 5.22 3.24
CA PRO A 97 -4.59 6.52 2.59
C PRO A 97 -5.85 7.28 2.99
N ASP A 98 -6.87 6.56 3.49
CA ASP A 98 -8.16 7.09 3.96
C ASP A 98 -8.20 7.30 5.50
N LEU A 99 -7.05 7.15 6.18
CA LEU A 99 -6.93 7.28 7.62
C LEU A 99 -7.35 8.66 8.15
N HIS A 100 -8.11 8.68 9.22
CA HIS A 100 -8.48 9.93 9.84
C HIS A 100 -8.67 9.73 11.33
N LYS A 101 -8.99 10.83 12.03
CA LYS A 101 -9.32 10.95 13.44
C LYS A 101 -8.36 10.17 14.35
N ASN A 102 -8.89 9.34 15.25
CA ASN A 102 -8.14 8.56 16.19
C ASN A 102 -8.46 7.09 15.92
N GLU A 103 -7.94 6.58 14.81
CA GLU A 103 -8.13 5.19 14.35
C GLU A 103 -6.85 4.40 14.45
N LEU A 104 -5.84 4.92 15.16
CA LEU A 104 -4.54 4.29 15.35
C LEU A 104 -4.34 3.84 16.78
N LYS A 105 -3.81 2.63 16.93
CA LYS A 105 -3.48 2.05 18.22
C LYS A 105 -2.08 1.47 18.06
N HIS A 106 -1.16 1.91 18.92
CA HIS A 106 0.19 1.39 18.85
C HIS A 106 0.29 -0.03 19.36
N VAL A 107 1.21 -0.77 18.76
CA VAL A 107 1.53 -2.14 19.10
C VAL A 107 2.31 -2.13 20.45
N LYS A 108 2.24 -3.24 21.22
CA LYS A 108 2.93 -3.40 22.51
C LYS A 108 4.47 -3.25 22.38
N TYR A 109 5.04 -3.65 21.23
CA TYR A 109 6.47 -3.59 20.85
C TYR A 109 7.03 -2.14 20.75
N CYS A 110 6.17 -1.17 20.37
CA CYS A 110 6.53 0.23 20.16
C CYS A 110 6.86 0.97 21.45
N GLN A 111 8.12 1.42 21.56
CA GLN A 111 8.66 2.10 22.72
C GLN A 111 8.44 3.63 22.75
N TYR A 112 8.28 4.28 21.59
CA TYR A 112 8.15 5.74 21.49
C TYR A 112 6.86 6.23 20.82
N ALA A 113 5.78 5.44 20.94
CA ALA A 113 4.45 5.74 20.42
C ALA A 113 3.98 7.14 20.83
N PHE A 114 3.25 7.83 19.93
CA PHE A 114 2.73 9.18 20.16
C PHE A 114 2.00 9.32 21.52
N ASP A 115 1.13 8.33 21.87
CA ASP A 115 0.34 8.28 23.12
C ASP A 115 1.19 8.14 24.36
N LEU A 116 2.43 7.63 24.25
CA LEU A 116 3.33 7.42 25.39
C LEU A 116 3.95 8.74 25.92
N LYS A 117 3.65 9.90 25.25
CA LYS A 117 4.08 11.26 25.60
C LYS A 117 5.59 11.38 25.89
N CYS A 118 6.42 10.91 24.94
CA CYS A 118 7.88 10.96 25.04
C CYS A 118 8.41 12.15 24.26
N ASP A 119 9.67 12.54 24.50
CA ASP A 119 10.33 13.65 23.80
C ASP A 119 10.50 13.34 22.30
N SER A 120 10.56 12.02 21.98
CA SER A 120 10.75 11.41 20.66
C SER A 120 9.45 10.69 20.29
N VAL A 121 8.96 10.89 19.04
CA VAL A 121 7.72 10.27 18.55
C VAL A 121 8.03 9.21 17.49
N CYS A 122 7.52 7.97 17.67
CA CYS A 122 7.72 6.94 16.65
C CYS A 122 6.75 7.17 15.50
N VAL A 123 7.28 7.27 14.28
CA VAL A 123 6.53 7.48 13.04
C VAL A 123 6.58 6.24 12.13
N ASN A 124 7.02 5.09 12.68
CA ASN A 124 7.07 3.83 11.93
C ASN A 124 5.60 3.39 11.75
N PRO A 125 5.07 3.35 10.50
CA PRO A 125 3.65 2.99 10.32
C PRO A 125 3.31 1.56 10.73
N TYR A 126 4.31 0.66 10.76
CA TYR A 126 4.15 -0.74 11.15
C TYR A 126 4.23 -0.92 12.67
N HIS A 127 4.28 0.20 13.41
CA HIS A 127 4.26 0.23 14.87
C HIS A 127 2.89 0.67 15.37
N TYR A 128 1.96 0.83 14.44
CA TYR A 128 0.57 1.20 14.70
C TYR A 128 -0.32 0.28 13.92
N GLU A 129 -1.50 0.03 14.45
CA GLU A 129 -2.51 -0.78 13.80
C GLU A 129 -3.81 -0.02 13.77
N ARG A 130 -4.59 -0.21 12.70
CA ARG A 130 -5.87 0.47 12.54
C ARG A 130 -6.95 -0.17 13.38
N VAL A 131 -7.74 0.68 14.06
CA VAL A 131 -8.86 0.29 14.93
C VAL A 131 -10.15 1.03 14.53
N VAL A 132 -11.30 0.44 14.92
CA VAL A 132 -12.62 1.04 14.67
C VAL A 132 -12.73 2.36 15.44
N SER A 133 -13.54 3.28 14.92
CA SER A 133 -13.72 4.59 15.54
C SER A 133 -14.09 4.54 17.01
N ASP B 9 -22.49 3.35 -15.40
CA ASP B 9 -22.85 4.34 -14.39
C ASP B 9 -22.68 3.80 -12.95
N ALA B 10 -22.29 4.71 -12.00
CA ALA B 10 -22.00 4.48 -10.55
C ALA B 10 -20.62 3.82 -10.31
N CYS B 11 -19.86 3.60 -11.40
CA CYS B 11 -18.53 3.01 -11.47
C CYS B 11 -17.46 3.96 -10.98
N LEU B 12 -17.65 5.28 -11.22
CA LEU B 12 -16.70 6.35 -10.93
C LEU B 12 -16.25 6.41 -9.48
N SER B 13 -17.19 6.20 -8.53
CA SER B 13 -16.90 6.23 -7.11
C SER B 13 -16.07 5.01 -6.68
N ILE B 14 -16.36 3.85 -7.30
CA ILE B 14 -15.68 2.57 -7.08
C ILE B 14 -14.22 2.66 -7.59
N VAL B 15 -14.02 3.21 -8.79
CA VAL B 15 -12.70 3.39 -9.42
C VAL B 15 -11.86 4.35 -8.57
N HIS B 16 -12.48 5.44 -8.11
CA HIS B 16 -11.83 6.45 -7.29
C HIS B 16 -11.34 5.93 -5.93
N SER B 17 -12.17 5.11 -5.25
CA SER B 17 -11.79 4.53 -3.96
C SER B 17 -10.67 3.50 -4.12
N LEU B 18 -10.66 2.73 -5.23
CA LEU B 18 -9.58 1.74 -5.49
C LEU B 18 -8.28 2.45 -5.84
N MET B 19 -8.39 3.60 -6.53
CA MET B 19 -7.28 4.48 -6.94
C MET B 19 -6.53 5.00 -5.71
N CYS B 20 -7.29 5.36 -4.65
CA CYS B 20 -6.82 5.88 -3.37
C CYS B 20 -5.85 4.89 -2.68
N HIS B 21 -5.96 3.58 -2.99
CA HIS B 21 -5.15 2.52 -2.38
C HIS B 21 -4.00 1.98 -3.25
N ARG B 22 -3.77 2.60 -4.41
CA ARG B 22 -2.68 2.20 -5.32
C ARG B 22 -1.35 2.57 -4.70
N GLN B 23 -0.28 1.96 -5.18
CA GLN B 23 1.07 2.25 -4.72
C GLN B 23 1.84 2.92 -5.86
N GLY B 24 2.93 3.61 -5.54
CA GLY B 24 3.73 4.32 -6.53
C GLY B 24 4.59 3.48 -7.44
N GLY B 25 4.05 2.36 -7.91
CA GLY B 25 4.73 1.46 -8.84
C GLY B 25 4.69 1.99 -10.26
N GLU B 26 3.53 2.50 -10.67
CA GLU B 26 3.33 3.09 -12.01
C GLU B 26 2.70 4.48 -11.93
N SER B 27 2.49 5.11 -13.10
CA SER B 27 1.87 6.42 -13.23
C SER B 27 0.40 6.37 -12.77
N GLU B 28 -0.16 7.55 -12.43
CA GLU B 28 -1.56 7.70 -12.01
C GLU B 28 -2.46 7.26 -13.16
N THR B 29 -2.08 7.61 -14.42
CA THR B 29 -2.83 7.27 -15.62
C THR B 29 -2.84 5.75 -15.88
N PHE B 30 -1.70 5.06 -15.68
CA PHE B 30 -1.62 3.60 -15.85
C PHE B 30 -2.54 2.91 -14.86
N ALA B 31 -2.48 3.34 -13.58
CA ALA B 31 -3.30 2.82 -12.50
C ALA B 31 -4.80 2.96 -12.80
N LYS B 32 -5.25 4.15 -13.27
CA LYS B 32 -6.65 4.38 -13.62
C LYS B 32 -7.10 3.46 -14.75
N ARG B 33 -6.27 3.34 -15.81
CA ARG B 33 -6.53 2.49 -16.96
C ARG B 33 -6.67 1.01 -16.57
N ALA B 34 -5.81 0.55 -15.65
CA ALA B 34 -5.82 -0.82 -15.12
C ALA B 34 -7.06 -1.07 -14.26
N ILE B 35 -7.43 -0.10 -13.40
CA ILE B 35 -8.58 -0.19 -12.50
C ILE B 35 -9.88 -0.15 -13.29
N GLU B 36 -10.02 0.81 -14.23
CA GLU B 36 -11.20 0.93 -15.11
C GLU B 36 -11.47 -0.35 -15.88
N SER B 37 -10.39 -0.94 -16.46
CA SER B 37 -10.45 -2.21 -17.21
C SER B 37 -10.99 -3.34 -16.33
N LEU B 38 -10.47 -3.47 -15.10
CA LEU B 38 -10.87 -4.49 -14.14
C LEU B 38 -12.32 -4.30 -13.64
N VAL B 39 -12.70 -3.05 -13.26
CA VAL B 39 -14.05 -2.71 -12.77
C VAL B 39 -15.11 -3.02 -13.86
N LYS B 40 -14.84 -2.67 -15.13
CA LYS B 40 -15.76 -2.95 -16.25
C LYS B 40 -16.06 -4.45 -16.39
N LYS B 41 -15.03 -5.31 -16.22
CA LYS B 41 -15.14 -6.77 -16.29
C LYS B 41 -15.94 -7.37 -15.12
N LEU B 42 -15.91 -6.71 -13.96
CA LEU B 42 -16.60 -7.14 -12.75
C LEU B 42 -17.96 -6.47 -12.53
N LYS B 43 -18.42 -5.63 -13.49
CA LYS B 43 -19.70 -4.92 -13.44
C LYS B 43 -20.88 -5.88 -13.28
N GLU B 44 -20.88 -7.00 -14.03
CA GLU B 44 -21.93 -8.04 -13.98
C GLU B 44 -21.70 -9.10 -12.88
N LYS B 45 -20.57 -9.00 -12.13
CA LYS B 45 -20.20 -9.94 -11.07
C LYS B 45 -20.09 -9.21 -9.72
N LYS B 46 -21.25 -8.74 -9.21
CA LYS B 46 -21.42 -7.96 -7.98
C LYS B 46 -20.60 -8.46 -6.79
N ASP B 47 -20.70 -9.77 -6.47
CA ASP B 47 -19.98 -10.39 -5.35
C ASP B 47 -18.46 -10.27 -5.47
N GLU B 48 -17.91 -10.51 -6.69
CA GLU B 48 -16.47 -10.43 -6.98
C GLU B 48 -15.96 -8.99 -6.89
N LEU B 49 -16.76 -8.02 -7.37
CA LEU B 49 -16.44 -6.60 -7.30
C LEU B 49 -16.41 -6.12 -5.82
N ASP B 50 -17.43 -6.52 -5.03
CA ASP B 50 -17.54 -6.20 -3.60
C ASP B 50 -16.39 -6.78 -2.81
N SER B 51 -15.96 -8.01 -3.16
CA SER B 51 -14.83 -8.67 -2.52
C SER B 51 -13.53 -7.95 -2.84
N LEU B 52 -13.40 -7.38 -4.06
CA LEU B 52 -12.22 -6.61 -4.46
C LEU B 52 -12.17 -5.30 -3.65
N ILE B 53 -13.28 -4.52 -3.61
CA ILE B 53 -13.35 -3.26 -2.85
C ILE B 53 -13.00 -3.52 -1.37
N THR B 54 -13.65 -4.52 -0.74
CA THR B 54 -13.42 -4.86 0.66
C THR B 54 -11.95 -5.26 0.91
N ALA B 55 -11.36 -6.13 0.05
CA ALA B 55 -9.97 -6.57 0.18
C ALA B 55 -8.94 -5.43 0.08
N ILE B 56 -9.06 -4.56 -0.95
CA ILE B 56 -8.17 -3.42 -1.20
C ILE B 56 -8.27 -2.35 -0.08
N THR B 57 -9.54 -1.93 0.22
CA THR B 57 -9.88 -0.90 1.22
C THR B 57 -9.41 -1.23 2.66
N THR B 58 -9.48 -2.52 3.04
CA THR B 58 -9.11 -2.97 4.39
C THR B 58 -7.73 -3.60 4.47
N ASN B 59 -6.94 -3.52 3.38
CA ASN B 59 -5.60 -4.11 3.28
C ASN B 59 -5.59 -5.61 3.60
N GLY B 60 -6.56 -6.32 3.04
CA GLY B 60 -6.75 -7.76 3.22
C GLY B 60 -6.91 -8.19 4.66
N ALA B 61 -7.69 -7.40 5.46
CA ALA B 61 -7.95 -7.65 6.88
C ALA B 61 -8.67 -8.97 7.13
N HIS B 62 -9.68 -9.29 6.29
CA HIS B 62 -10.43 -10.54 6.40
C HIS B 62 -10.36 -11.35 5.12
N PRO B 63 -10.45 -12.70 5.16
CA PRO B 63 -10.40 -13.47 3.91
C PRO B 63 -11.48 -13.03 2.93
N SER B 64 -11.05 -12.78 1.69
CA SER B 64 -11.89 -12.30 0.60
C SER B 64 -12.07 -13.41 -0.45
N LYS B 65 -13.10 -13.26 -1.29
CA LYS B 65 -13.42 -14.18 -2.36
C LYS B 65 -12.45 -13.94 -3.53
N CYS B 66 -12.38 -14.91 -4.46
CA CYS B 66 -11.56 -14.80 -5.67
C CYS B 66 -12.16 -13.71 -6.54
N VAL B 67 -11.29 -12.94 -7.19
CA VAL B 67 -11.69 -11.84 -8.08
C VAL B 67 -11.11 -12.27 -9.42
N THR B 68 -11.95 -12.81 -10.30
CA THR B 68 -11.48 -13.38 -11.57
C THR B 68 -11.89 -12.64 -12.82
N ILE B 69 -11.03 -12.75 -13.83
CA ILE B 69 -11.21 -12.24 -15.18
C ILE B 69 -10.92 -13.39 -16.16
N GLN B 70 -11.45 -13.27 -17.40
CA GLN B 70 -11.28 -14.24 -18.48
C GLN B 70 -9.79 -14.33 -18.85
N ARG B 71 -9.25 -15.56 -18.96
CA ARG B 71 -7.87 -15.79 -19.37
C ARG B 71 -7.76 -15.56 -20.88
N THR B 72 -6.72 -14.82 -21.31
CA THR B 72 -6.46 -14.56 -22.73
C THR B 72 -5.67 -15.75 -23.26
N LEU B 73 -5.57 -15.88 -24.61
CA LEU B 73 -4.83 -16.94 -25.30
C LEU B 73 -3.36 -17.01 -24.86
N ASP B 74 -2.71 -15.83 -24.74
CA ASP B 74 -1.31 -15.72 -24.35
C ASP B 74 -1.11 -15.62 -22.82
N GLY B 75 -2.20 -15.43 -22.07
CA GLY B 75 -2.19 -15.32 -20.61
C GLY B 75 -1.88 -13.94 -20.08
N ARG B 76 -1.52 -13.00 -20.96
CA ARG B 76 -1.23 -11.64 -20.53
C ARG B 76 -2.28 -10.63 -20.97
N LEU B 77 -2.33 -9.53 -20.22
CA LEU B 77 -3.27 -8.42 -20.31
C LEU B 77 -2.53 -7.15 -20.74
N GLN B 78 -3.13 -6.37 -21.66
CA GLN B 78 -2.54 -5.11 -22.11
C GLN B 78 -3.25 -3.94 -21.46
N VAL B 79 -2.47 -3.05 -20.84
CA VAL B 79 -2.96 -1.83 -20.19
C VAL B 79 -2.08 -0.67 -20.65
N ALA B 80 -2.71 0.36 -21.24
CA ALA B 80 -2.06 1.57 -21.77
C ALA B 80 -0.82 1.27 -22.64
N GLY B 81 -0.99 0.35 -23.59
CA GLY B 81 0.05 -0.10 -24.52
C GLY B 81 1.12 -1.03 -23.95
N ARG B 82 0.96 -1.50 -22.72
CA ARG B 82 1.95 -2.40 -22.10
C ARG B 82 1.33 -3.75 -21.73
N LYS B 83 2.04 -4.87 -22.00
CA LYS B 83 1.55 -6.22 -21.70
C LYS B 83 2.19 -6.85 -20.48
N GLY B 84 1.41 -7.60 -19.71
CA GLY B 84 1.87 -8.31 -18.52
C GLY B 84 0.86 -9.29 -17.98
N PHE B 85 1.29 -10.21 -17.11
CA PHE B 85 0.39 -11.17 -16.49
C PHE B 85 -0.59 -10.43 -15.58
N PRO B 86 -1.91 -10.69 -15.72
CA PRO B 86 -2.91 -9.91 -14.97
C PRO B 86 -2.79 -9.96 -13.44
N HIS B 87 -2.46 -11.15 -12.87
CA HIS B 87 -2.29 -11.26 -11.42
C HIS B 87 -1.09 -10.41 -10.93
N VAL B 88 -0.03 -10.32 -11.76
CA VAL B 88 1.19 -9.56 -11.49
C VAL B 88 0.90 -8.04 -11.56
N ILE B 89 0.16 -7.60 -12.58
CA ILE B 89 -0.23 -6.20 -12.78
C ILE B 89 -0.96 -5.65 -11.55
N TYR B 90 -1.98 -6.37 -11.07
CA TYR B 90 -2.78 -5.91 -9.95
C TYR B 90 -2.09 -6.11 -8.60
N ALA B 91 -1.16 -7.08 -8.47
CA ALA B 91 -0.40 -7.28 -7.23
C ALA B 91 0.65 -6.17 -7.09
N ARG B 92 1.28 -5.78 -8.22
CA ARG B 92 2.26 -4.69 -8.30
C ARG B 92 1.58 -3.36 -7.97
N LEU B 93 0.38 -3.17 -8.52
CA LEU B 93 -0.44 -1.97 -8.32
C LEU B 93 -0.78 -1.71 -6.85
N TRP B 94 -1.40 -2.69 -6.17
CA TRP B 94 -1.92 -2.49 -4.81
C TRP B 94 -1.06 -3.02 -3.66
N ARG B 95 -0.08 -3.91 -3.93
CA ARG B 95 0.71 -4.48 -2.83
C ARG B 95 2.23 -4.33 -2.93
N TRP B 96 2.83 -4.79 -4.05
CA TRP B 96 4.29 -4.76 -4.24
C TRP B 96 4.68 -3.95 -5.47
N PRO B 97 4.92 -2.63 -5.32
CA PRO B 97 5.28 -1.79 -6.47
C PRO B 97 6.57 -2.17 -7.21
N ASP B 98 7.50 -2.84 -6.50
CA ASP B 98 8.80 -3.30 -6.98
C ASP B 98 8.79 -4.78 -7.42
N LEU B 99 7.58 -5.39 -7.52
CA LEU B 99 7.38 -6.80 -7.89
C LEU B 99 7.94 -7.18 -9.26
N HIS B 100 8.60 -8.36 -9.32
CA HIS B 100 9.22 -8.92 -10.52
C HIS B 100 8.61 -10.29 -10.86
N LYS B 101 9.10 -10.93 -11.93
CA LYS B 101 8.65 -12.25 -12.38
C LYS B 101 9.01 -13.34 -11.37
N ASN B 102 8.16 -14.39 -11.28
CA ASN B 102 8.30 -15.57 -10.42
C ASN B 102 8.52 -15.24 -8.92
N GLU B 103 7.80 -14.23 -8.40
CA GLU B 103 7.91 -13.81 -7.01
C GLU B 103 6.61 -14.04 -6.26
N LEU B 104 5.59 -14.51 -6.96
CA LEU B 104 4.27 -14.72 -6.42
C LEU B 104 3.94 -16.17 -6.21
N LYS B 105 3.39 -16.48 -5.05
CA LYS B 105 2.94 -17.81 -4.68
C LYS B 105 1.54 -17.66 -4.14
N HIS B 106 0.57 -18.35 -4.77
CA HIS B 106 -0.81 -18.26 -4.33
C HIS B 106 -1.04 -18.97 -3.02
N VAL B 107 -1.95 -18.42 -2.24
CA VAL B 107 -2.38 -18.95 -0.96
C VAL B 107 -3.24 -20.21 -1.23
N LYS B 108 -3.31 -21.13 -0.25
CA LYS B 108 -4.10 -22.37 -0.32
C LYS B 108 -5.60 -22.10 -0.54
N TYR B 109 -6.11 -20.98 0.01
CA TYR B 109 -7.50 -20.51 -0.06
C TYR B 109 -7.95 -20.14 -1.51
N CYS B 110 -7.01 -19.68 -2.35
CA CYS B 110 -7.26 -19.24 -3.73
C CYS B 110 -7.64 -20.39 -4.67
N GLN B 111 -8.87 -20.32 -5.20
CA GLN B 111 -9.45 -21.32 -6.10
C GLN B 111 -9.12 -21.15 -7.58
N TYR B 112 -8.85 -19.91 -8.05
CA TYR B 112 -8.61 -19.62 -9.47
C TYR B 112 -7.25 -18.98 -9.78
N ALA B 113 -6.24 -19.30 -8.96
CA ALA B 113 -4.86 -18.84 -9.11
C ALA B 113 -4.33 -19.06 -10.52
N PHE B 114 -3.49 -18.12 -11.02
CA PHE B 114 -2.89 -18.18 -12.35
C PHE B 114 -2.23 -19.54 -12.67
N ASP B 115 -1.45 -20.10 -11.71
CA ASP B 115 -0.75 -21.39 -11.82
C ASP B 115 -1.68 -22.60 -11.93
N LEU B 116 -2.94 -22.48 -11.46
CA LEU B 116 -3.92 -23.56 -11.49
C LEU B 116 -4.50 -23.82 -12.91
N LYS B 117 -4.09 -23.01 -13.91
CA LYS B 117 -4.44 -23.09 -15.34
C LYS B 117 -5.94 -23.25 -15.61
N CYS B 118 -6.76 -22.36 -15.02
CA CYS B 118 -8.21 -22.35 -15.17
C CYS B 118 -8.62 -21.38 -16.27
N ASP B 119 -9.88 -21.46 -16.71
CA ASP B 119 -10.43 -20.56 -17.74
C ASP B 119 -10.54 -19.11 -17.23
N SER B 120 -10.65 -18.98 -15.89
CA SER B 120 -10.77 -17.76 -15.10
C SER B 120 -9.49 -17.58 -14.25
N VAL B 121 -8.92 -16.36 -14.23
CA VAL B 121 -7.69 -16.06 -13.47
C VAL B 121 -8.01 -15.15 -12.27
N CYS B 122 -7.60 -15.55 -11.05
CA CYS B 122 -7.80 -14.69 -9.89
C CYS B 122 -6.74 -13.59 -9.87
N VAL B 123 -7.20 -12.33 -9.81
CA VAL B 123 -6.35 -11.14 -9.79
C VAL B 123 -6.42 -10.44 -8.42
N ASN B 124 -6.99 -11.13 -7.39
CA ASN B 124 -7.06 -10.57 -6.04
C ASN B 124 -5.63 -10.57 -5.48
N PRO B 125 -5.03 -9.38 -5.22
CA PRO B 125 -3.63 -9.36 -4.73
C PRO B 125 -3.42 -10.02 -3.38
N TYR B 126 -4.48 -10.10 -2.56
CA TYR B 126 -4.44 -10.72 -1.24
C TYR B 126 -4.62 -12.25 -1.29
N HIS B 127 -4.64 -12.79 -2.52
CA HIS B 127 -4.71 -14.23 -2.78
C HIS B 127 -3.34 -14.76 -3.21
N TYR B 128 -2.33 -13.87 -3.18
CA TYR B 128 -0.95 -14.18 -3.50
C TYR B 128 -0.08 -13.61 -2.43
N GLU B 129 1.06 -14.26 -2.21
CA GLU B 129 2.06 -13.84 -1.24
C GLU B 129 3.40 -13.78 -1.94
N ARG B 130 4.23 -12.82 -1.54
CA ARG B 130 5.55 -12.63 -2.13
C ARG B 130 6.55 -13.64 -1.57
N VAL B 131 7.36 -14.22 -2.47
CA VAL B 131 8.40 -15.21 -2.16
C VAL B 131 9.76 -14.84 -2.78
N VAL B 132 10.84 -15.51 -2.33
CA VAL B 132 12.23 -15.31 -2.82
C VAL B 132 12.50 -16.15 -4.09
N SER B 133 11.86 -17.33 -4.19
CA SER B 133 11.99 -18.30 -5.28
C SER B 133 11.63 -17.72 -6.65
ZN ZN E . 7.77 2.46 17.43
CL CL F . -1.00 5.60 19.55
ZN ZN G . -8.26 -16.21 -5.72
CL CL H . 0.36 -18.50 -8.64
#